data_6GI1
#
_entry.id   6GI1
#
_cell.length_a   58.550
_cell.length_b   76.430
_cell.length_c   130.670
_cell.angle_alpha   90.00
_cell.angle_beta   90.00
_cell.angle_gamma   90.00
#
_symmetry.space_group_name_H-M   'P 21 21 21'
#
loop_
_entity.id
_entity.type
_entity.pdbx_description
1 polymer 'Ferric enterobactin esterase'
2 non-polymer 'FE (III) ION'
3 non-polymer '2-(2,3-DIHYDROXY-BENZOYLAMINO)-3-HYDROXY-PROPIONIC ACID'
4 non-polymer 'NITRATE ION'
5 non-polymer 1,2-ETHANEDIOL
6 non-polymer "N,N',N''-[(3S,7S,11S)-2,6,10-trioxo-1,5,9-trioxacyclododecane-3,7,11-triyl]tris(2,3-dihydroxybenzamide)"
7 water water
#
_entity_poly.entity_id   1
_entity_poly.type   'polypeptide(L)'
_entity_poly.pdbx_seq_one_letter_code
;GAMNPDPEATMDRSLLQRQDLPYRFSAVDLDSVDGQRHYRLWLGRPLQAPPAAGYPVVWMLDGNAAVGALDESTLRRLAD
GDAPLLVAIGYRTPLRIDRAGRTFDYTPASPGQADQRDPLNGLPSGGADAFLDLLRDGMRPAVAAQAPLDTARQTLWGHA
YGGLLVLHALFTRPGEFARYAAASPSLWWRDGAILGERAGLEQRLRGKRAELLLWRGSAEPASPRGSLKAEPGQAMARLV
DDLRRVAGLTLDFQPLDGLGHGETLGASLRLLLARPAVERQR
;
_entity_poly.pdbx_strand_id   A,B
#
# COMPACT_ATOMS: atom_id res chain seq x y z
N SER A 14 -11.77 14.33 10.77
CA SER A 14 -12.22 15.12 9.59
C SER A 14 -13.02 14.28 8.59
N LEU A 15 -12.58 13.05 8.37
CA LEU A 15 -13.16 12.18 7.34
C LEU A 15 -14.66 11.95 7.52
N LEU A 16 -15.10 11.77 8.77
CA LEU A 16 -16.50 11.44 9.05
C LEU A 16 -17.47 12.59 8.76
N GLN A 17 -16.98 13.82 8.82
CA GLN A 17 -17.78 15.01 8.49
C GLN A 17 -17.76 15.35 6.99
N ARG A 18 -16.68 14.96 6.30
CA ARG A 18 -16.46 15.34 4.89
C ARG A 18 -17.64 15.01 3.98
N GLN A 19 -17.88 15.92 3.02
CA GLN A 19 -19.00 15.78 2.09
C GLN A 19 -18.52 15.64 0.65
N ASP A 20 -17.22 15.53 0.43
CA ASP A 20 -16.70 15.55 -0.94
C ASP A 20 -16.34 14.17 -1.49
N LEU A 21 -16.75 13.10 -0.80
CA LEU A 21 -16.33 11.74 -1.20
C LEU A 21 -17.52 10.91 -1.68
N PRO A 22 -17.26 9.85 -2.47
CA PRO A 22 -18.40 9.07 -2.99
C PRO A 22 -18.93 8.06 -1.96
N TYR A 23 -18.62 8.31 -0.69
CA TYR A 23 -19.12 7.52 0.45
C TYR A 23 -19.81 8.48 1.42
N ARG A 24 -20.92 8.05 2.02
CA ARG A 24 -21.47 8.74 3.17
C ARG A 24 -21.42 7.84 4.40
N PHE A 25 -21.04 8.42 5.53
CA PHE A 25 -20.86 7.67 6.76
C PHE A 25 -21.96 8.01 7.75
N SER A 26 -22.47 6.97 8.40
CA SER A 26 -23.46 7.12 9.47
C SER A 26 -23.11 6.16 10.60
N ALA A 27 -23.65 6.43 11.79
CA ALA A 27 -23.28 5.67 12.98
C ALA A 27 -24.43 4.74 13.36
N VAL A 28 -24.08 3.51 13.76
CA VAL A 28 -25.01 2.53 14.35
C VAL A 28 -24.42 2.15 15.71
N ASP A 29 -25.15 2.42 16.79
CA ASP A 29 -24.63 2.22 18.15
C ASP A 29 -25.23 0.95 18.78
N LEU A 30 -24.40 0.21 19.51
CA LEU A 30 -24.87 -0.98 20.24
C LEU A 30 -24.00 -1.14 21.47
N ASP A 31 -24.56 -1.73 22.50
CA ASP A 31 -23.77 -2.12 23.69
C ASP A 31 -23.46 -3.60 23.65
N SER A 32 -22.47 -4.06 24.41
CA SER A 32 -22.29 -5.50 24.58
C SER A 32 -23.46 -6.09 25.37
N VAL A 33 -23.64 -7.40 25.25
CA VAL A 33 -24.74 -8.06 25.94
C VAL A 33 -24.64 -7.85 27.45
N ASP A 34 -23.43 -7.92 27.97
CA ASP A 34 -23.22 -7.67 29.43
C ASP A 34 -23.29 -6.20 29.86
N GLY A 35 -23.50 -5.29 28.92
CA GLY A 35 -23.61 -3.86 29.24
C GLY A 35 -22.32 -3.11 29.54
N GLN A 36 -21.17 -3.78 29.48
CA GLN A 36 -19.93 -3.19 29.93
C GLN A 36 -19.12 -2.50 28.84
N ARG A 37 -19.40 -2.83 27.58
CA ARG A 37 -18.64 -2.23 26.47
C ARG A 37 -19.62 -1.58 25.53
N HIS A 38 -19.20 -0.47 24.91
CA HIS A 38 -20.07 0.41 24.14
C HIS A 38 -19.45 0.59 22.77
N TYR A 39 -20.19 0.16 21.73
CA TYR A 39 -19.70 0.18 20.35
C TYR A 39 -20.38 1.29 19.54
N ARG A 40 -19.63 1.81 18.59
CA ARG A 40 -20.19 2.63 17.52
C ARG A 40 -19.65 2.08 16.23
N LEU A 41 -20.57 1.64 15.35
CA LEU A 41 -20.19 1.15 14.05
C LEU A 41 -20.31 2.34 13.08
N TRP A 42 -19.21 2.66 12.40
CA TRP A 42 -19.27 3.67 11.36
C TRP A 42 -19.50 2.96 10.03
N LEU A 43 -20.64 3.24 9.41
CA LEU A 43 -21.05 2.60 8.16
C LEU A 43 -20.77 3.52 7.00
N GLY A 44 -19.94 3.08 6.06
CA GLY A 44 -19.63 3.86 4.87
C GLY A 44 -20.37 3.24 3.71
N ARG A 45 -21.37 3.95 3.21
CA ARG A 45 -22.20 3.46 2.11
C ARG A 45 -21.84 4.22 0.82
N PRO A 46 -21.52 3.48 -0.25
CA PRO A 46 -21.26 4.09 -1.58
C PRO A 46 -22.50 4.84 -2.07
N LEU A 47 -22.30 5.90 -2.85
CA LEU A 47 -23.44 6.54 -3.52
C LEU A 47 -24.02 5.61 -4.60
N GLN A 48 -23.15 4.80 -5.19
CA GLN A 48 -23.54 3.74 -6.11
C GLN A 48 -24.67 2.85 -5.54
N ALA A 49 -25.66 2.57 -6.37
CA ALA A 49 -26.72 1.62 -6.03
C ALA A 49 -26.16 0.20 -5.81
N PRO A 50 -26.78 -0.56 -4.90
CA PRO A 50 -26.32 -1.91 -4.64
C PRO A 50 -26.58 -2.84 -5.83
N PRO A 51 -25.70 -3.83 -6.04
CA PRO A 51 -26.05 -4.97 -6.87
C PRO A 51 -27.32 -5.66 -6.41
N ALA A 52 -27.91 -6.48 -7.30
CA ALA A 52 -29.11 -7.22 -6.96
C ALA A 52 -28.90 -8.08 -5.70
N ALA A 53 -27.75 -8.73 -5.60
CA ALA A 53 -27.43 -9.57 -4.45
C ALA A 53 -26.92 -8.81 -3.21
N GLY A 54 -26.85 -7.48 -3.29
CA GLY A 54 -26.39 -6.64 -2.17
C GLY A 54 -24.94 -6.15 -2.30
N TYR A 55 -24.55 -5.19 -1.47
CA TYR A 55 -23.12 -4.78 -1.40
C TYR A 55 -22.24 -5.87 -0.78
N PRO A 56 -21.03 -6.08 -1.32
CA PRO A 56 -20.01 -6.78 -0.51
C PRO A 56 -19.68 -5.94 0.69
N VAL A 57 -19.15 -6.56 1.76
CA VAL A 57 -18.97 -5.85 3.00
C VAL A 57 -17.56 -6.04 3.54
N VAL A 58 -16.90 -4.94 3.95
CA VAL A 58 -15.62 -5.02 4.65
C VAL A 58 -15.78 -4.54 6.10
N TRP A 59 -15.59 -5.46 7.03
CA TRP A 59 -15.69 -5.21 8.46
C TRP A 59 -14.28 -4.95 8.99
N MET A 60 -14.10 -3.87 9.73
CA MET A 60 -12.82 -3.46 10.28
C MET A 60 -12.83 -3.34 11.80
N LEU A 61 -11.94 -4.08 12.43
CA LEU A 61 -11.69 -3.92 13.87
C LEU A 61 -10.91 -2.64 14.15
N ASP A 62 -10.77 -2.26 15.42
CA ASP A 62 -10.20 -0.97 15.83
C ASP A 62 -10.80 0.18 14.98
N GLY A 63 -12.12 0.24 14.96
CA GLY A 63 -12.81 1.00 13.93
C GLY A 63 -12.52 2.51 13.97
N ASN A 64 -12.27 3.07 15.16
CA ASN A 64 -11.98 4.48 15.22
C ASN A 64 -10.64 4.77 14.53
N ALA A 65 -9.66 3.91 14.73
CA ALA A 65 -8.36 4.03 14.02
C ALA A 65 -8.49 3.73 12.51
N ALA A 66 -9.31 2.74 12.17
CA ALA A 66 -9.50 2.36 10.78
C ALA A 66 -10.08 3.52 9.96
N VAL A 67 -11.07 4.21 10.53
CA VAL A 67 -11.63 5.41 9.89
C VAL A 67 -10.59 6.49 9.63
N GLY A 68 -9.72 6.74 10.58
CA GLY A 68 -8.58 7.66 10.37
C GLY A 68 -7.61 7.29 9.25
N ALA A 69 -7.58 6.03 8.85
CA ALA A 69 -6.68 5.56 7.80
C ALA A 69 -7.33 5.48 6.40
N LEU A 70 -8.61 5.79 6.31
CA LEU A 70 -9.34 5.66 5.04
C LEU A 70 -9.17 6.93 4.22
N ASP A 71 -8.23 6.93 3.30
CA ASP A 71 -7.86 8.17 2.61
C ASP A 71 -8.79 8.45 1.42
N GLU A 72 -8.85 9.72 1.03
CA GLU A 72 -9.70 10.18 -0.07
C GLU A 72 -9.42 9.49 -1.42
N SER A 73 -8.15 9.24 -1.74
CA SER A 73 -7.79 8.62 -2.99
C SER A 73 -8.32 7.16 -3.07
N THR A 74 -8.08 6.41 -2.01
CA THR A 74 -8.63 5.06 -1.87
C THR A 74 -10.15 5.03 -2.04
N LEU A 75 -10.83 5.93 -1.33
CA LEU A 75 -12.29 5.93 -1.32
C LEU A 75 -12.85 6.32 -2.69
N ARG A 76 -12.21 7.26 -3.39
CA ARG A 76 -12.65 7.56 -4.77
C ARG A 76 -12.50 6.39 -5.68
N ARG A 77 -11.39 5.66 -5.62
CA ARG A 77 -11.20 4.49 -6.48
C ARG A 77 -12.09 3.28 -6.12
N LEU A 78 -12.41 3.13 -4.84
CA LEU A 78 -13.32 2.08 -4.38
C LEU A 78 -14.70 2.17 -5.03
N ALA A 79 -15.15 3.37 -5.35
CA ALA A 79 -16.40 3.55 -6.11
C ALA A 79 -16.24 3.19 -7.60
N ASP A 80 -16.12 1.90 -7.90
CA ASP A 80 -15.73 1.44 -9.24
C ASP A 80 -16.83 0.66 -9.96
N GLY A 81 -18.06 0.74 -9.45
CA GLY A 81 -19.15 -0.07 -9.97
C GLY A 81 -19.45 -1.33 -9.17
N ASP A 82 -18.53 -1.74 -8.28
CA ASP A 82 -18.81 -2.80 -7.26
C ASP A 82 -18.22 -2.39 -5.88
N ALA A 83 -18.55 -1.19 -5.46
CA ALA A 83 -18.02 -0.64 -4.22
C ALA A 83 -18.59 -1.40 -3.00
N PRO A 84 -17.74 -1.66 -2.01
CA PRO A 84 -18.20 -2.29 -0.79
C PRO A 84 -18.86 -1.34 0.20
N LEU A 85 -19.71 -1.90 1.03
CA LEU A 85 -20.09 -1.29 2.27
C LEU A 85 -18.94 -1.45 3.28
N LEU A 86 -18.51 -0.36 3.88
CA LEU A 86 -17.48 -0.35 4.93
C LEU A 86 -18.13 -0.30 6.31
N VAL A 87 -17.73 -1.21 7.20
CA VAL A 87 -18.21 -1.16 8.58
C VAL A 87 -17.04 -1.16 9.55
N ALA A 88 -16.79 -0.02 10.15
CA ALA A 88 -15.73 0.12 11.12
C ALA A 88 -16.28 -0.06 12.54
N ILE A 89 -15.82 -1.09 13.24
CA ILE A 89 -16.34 -1.40 14.56
C ILE A 89 -15.53 -0.68 15.64
N GLY A 90 -15.99 0.46 16.08
CA GLY A 90 -15.24 1.25 17.05
C GLY A 90 -15.84 1.27 18.44
N TYR A 91 -15.12 1.87 19.37
CA TYR A 91 -15.60 2.06 20.73
C TYR A 91 -16.19 3.45 20.91
N ARG A 92 -17.38 3.45 21.50
CA ARG A 92 -18.18 4.65 21.67
C ARG A 92 -17.86 5.16 23.05
N THR A 93 -16.70 5.77 23.18
CA THR A 93 -16.22 6.27 24.45
C THR A 93 -15.80 7.74 24.27
N PRO A 94 -15.78 8.49 25.36
CA PRO A 94 -15.19 9.84 25.32
C PRO A 94 -13.83 9.88 24.58
N LEU A 95 -12.91 8.98 24.94
CA LEU A 95 -11.56 9.01 24.40
C LEU A 95 -11.43 8.40 23.00
N ARG A 96 -12.48 7.74 22.52
CA ARG A 96 -12.47 7.07 21.22
C ARG A 96 -11.52 5.86 21.14
N ILE A 97 -11.18 5.33 22.29
CA ILE A 97 -10.46 4.09 22.45
C ILE A 97 -11.04 3.43 23.69
N ASP A 98 -10.75 2.14 23.85
CA ASP A 98 -11.10 1.45 25.08
C ASP A 98 -10.14 0.31 25.23
N ARG A 99 -9.09 0.51 26.03
CA ARG A 99 -8.00 -0.46 26.07
C ARG A 99 -8.52 -1.73 26.72
N ALA A 100 -9.30 -1.57 27.80
CA ALA A 100 -9.95 -2.71 28.46
C ALA A 100 -10.90 -3.46 27.52
N GLY A 101 -11.72 -2.69 26.80
CA GLY A 101 -12.69 -3.27 25.90
C GLY A 101 -12.03 -4.08 24.80
N ARG A 102 -11.04 -3.50 24.12
CA ARG A 102 -10.41 -4.23 23.03
C ARG A 102 -9.60 -5.42 23.55
N THR A 103 -8.95 -5.27 24.71
CA THR A 103 -8.25 -6.39 25.32
C THR A 103 -9.15 -7.59 25.57
N PHE A 104 -10.35 -7.35 26.09
CA PHE A 104 -11.32 -8.42 26.31
C PHE A 104 -11.89 -8.95 25.00
N ASP A 105 -12.34 -8.05 24.12
CA ASP A 105 -13.05 -8.45 22.91
C ASP A 105 -12.20 -9.20 21.88
N TYR A 106 -10.90 -8.91 21.81
CA TYR A 106 -10.08 -9.43 20.71
C TYR A 106 -9.22 -10.65 21.07
N THR A 107 -9.25 -11.06 22.33
CA THR A 107 -8.42 -12.19 22.78
C THR A 107 -9.25 -13.43 23.07
N PRO A 108 -8.78 -14.59 22.58
CA PRO A 108 -9.38 -15.86 22.88
C PRO A 108 -9.23 -16.27 24.35
N ALA A 109 -10.12 -17.15 24.80
CA ALA A 109 -10.01 -17.74 26.13
C ALA A 109 -8.84 -18.73 26.17
N SER A 110 -8.18 -18.83 27.32
CA SER A 110 -7.17 -19.85 27.57
C SER A 110 -7.79 -21.02 28.33
N PRO A 111 -7.99 -22.16 27.65
CA PRO A 111 -8.55 -23.36 28.29
C PRO A 111 -7.76 -23.83 29.52
N GLY A 112 -6.43 -23.74 29.47
CA GLY A 112 -5.55 -24.02 30.61
C GLY A 112 -6.11 -23.76 32.01
N GLN A 113 -6.45 -22.51 32.32
CA GLN A 113 -6.69 -22.08 33.71
C GLN A 113 -7.91 -21.14 33.85
N ALA A 114 -8.13 -20.63 35.07
CA ALA A 114 -9.17 -19.62 35.33
C ALA A 114 -8.63 -18.18 35.32
N ASP A 115 -7.31 -18.03 35.31
CA ASP A 115 -6.65 -16.70 35.27
C ASP A 115 -6.73 -16.10 33.86
N GLN A 116 -7.93 -15.68 33.46
CA GLN A 116 -8.14 -15.05 32.17
C GLN A 116 -7.80 -13.57 32.28
N ARG A 117 -6.51 -13.28 32.46
CA ARG A 117 -6.02 -11.92 32.46
C ARG A 117 -4.89 -11.79 31.44
N ASP A 118 -4.86 -10.65 30.76
CA ASP A 118 -3.87 -10.43 29.72
C ASP A 118 -2.45 -10.44 30.34
N PRO A 119 -1.54 -11.28 29.80
CA PRO A 119 -0.19 -11.40 30.37
C PRO A 119 0.65 -10.12 30.28
N LEU A 120 0.30 -9.22 29.36
CA LEU A 120 1.02 -7.96 29.16
C LEU A 120 0.46 -6.82 30.03
N ASN A 121 -0.84 -6.56 29.95
CA ASN A 121 -1.43 -5.39 30.61
C ASN A 121 -2.33 -5.73 31.80
N GLY A 122 -2.55 -7.02 32.05
CA GLY A 122 -3.24 -7.47 33.27
C GLY A 122 -4.77 -7.33 33.27
N LEU A 123 -5.34 -6.82 32.17
CA LEU A 123 -6.78 -6.61 32.10
C LEU A 123 -7.50 -7.91 31.69
N PRO A 124 -8.82 -8.03 32.00
CA PRO A 124 -9.54 -9.25 31.65
C PRO A 124 -9.48 -9.56 30.17
N SER A 125 -9.36 -10.84 29.86
CA SER A 125 -9.18 -11.30 28.49
C SER A 125 -10.15 -12.44 28.26
N GLY A 126 -10.26 -12.88 27.00
CA GLY A 126 -11.05 -14.05 26.67
C GLY A 126 -12.40 -13.85 26.01
N GLY A 127 -12.71 -12.62 25.60
CA GLY A 127 -14.03 -12.29 25.07
C GLY A 127 -14.21 -12.47 23.56
N ALA A 128 -13.24 -13.09 22.88
CA ALA A 128 -13.30 -13.13 21.41
C ALA A 128 -14.57 -13.80 20.88
N ASP A 129 -14.96 -14.93 21.47
CA ASP A 129 -16.14 -15.63 20.99
C ASP A 129 -17.44 -14.86 21.25
N ALA A 130 -17.54 -14.19 22.39
CA ALA A 130 -18.68 -13.31 22.66
C ALA A 130 -18.72 -12.15 21.68
N PHE A 131 -17.54 -11.64 21.30
CA PHE A 131 -17.50 -10.53 20.33
C PHE A 131 -17.94 -10.97 18.95
N LEU A 132 -17.44 -12.11 18.49
CA LEU A 132 -17.84 -12.67 17.19
C LEU A 132 -19.31 -13.08 17.17
N ASP A 133 -19.81 -13.55 18.31
CA ASP A 133 -21.24 -13.84 18.43
C ASP A 133 -22.10 -12.57 18.32
N LEU A 134 -21.65 -11.47 18.92
CA LEU A 134 -22.33 -10.20 18.83
C LEU A 134 -22.30 -9.65 17.41
N LEU A 135 -21.18 -9.82 16.72
CA LEU A 135 -21.12 -9.41 15.32
C LEU A 135 -22.20 -10.14 14.52
N ARG A 136 -22.30 -11.44 14.73
CA ARG A 136 -23.27 -12.29 14.00
C ARG A 136 -24.71 -12.01 14.40
N ASP A 137 -24.93 -11.87 15.69
CA ASP A 137 -26.31 -11.91 16.22
C ASP A 137 -26.92 -10.54 16.51
N GLY A 138 -26.09 -9.50 16.50
CA GLY A 138 -26.51 -8.13 16.75
C GLY A 138 -26.03 -7.07 15.78
N MET A 139 -24.74 -7.09 15.44
CA MET A 139 -24.20 -6.08 14.51
C MET A 139 -24.69 -6.25 13.07
N ARG A 140 -24.55 -7.45 12.52
CA ARG A 140 -25.01 -7.67 11.15
C ARG A 140 -26.52 -7.41 10.99
N PRO A 141 -27.36 -7.90 11.94
CA PRO A 141 -28.76 -7.47 11.91
C PRO A 141 -29.00 -5.96 11.83
N ALA A 142 -28.26 -5.18 12.60
CA ALA A 142 -28.39 -3.75 12.55
C ALA A 142 -27.86 -3.09 11.25
N VAL A 143 -26.74 -3.61 10.75
CA VAL A 143 -26.17 -3.11 9.51
C VAL A 143 -27.05 -3.44 8.30
N ALA A 144 -27.56 -4.66 8.27
CA ALA A 144 -28.38 -5.12 7.13
C ALA A 144 -29.68 -4.33 7.00
N ALA A 145 -30.17 -3.77 8.10
CA ALA A 145 -31.35 -2.92 8.08
C ALA A 145 -31.07 -1.55 7.46
N GLN A 146 -29.80 -1.12 7.43
CA GLN A 146 -29.39 0.16 6.83
C GLN A 146 -28.99 0.04 5.35
N ALA A 147 -28.55 -1.14 4.92
CA ALA A 147 -28.08 -1.33 3.55
C ALA A 147 -28.16 -2.79 3.13
N PRO A 148 -28.54 -3.06 1.88
CA PRO A 148 -28.56 -4.49 1.51
C PRO A 148 -27.17 -5.11 1.40
N LEU A 149 -26.96 -6.26 2.05
CA LEU A 149 -25.66 -6.93 2.11
C LEU A 149 -25.62 -8.22 1.33
N ASP A 150 -24.50 -8.49 0.68
CA ASP A 150 -24.25 -9.77 0.09
C ASP A 150 -23.47 -10.61 1.08
N THR A 151 -24.15 -11.50 1.77
CA THR A 151 -23.53 -12.22 2.87
C THR A 151 -22.48 -13.22 2.42
N ALA A 152 -22.47 -13.58 1.14
CA ALA A 152 -21.40 -14.44 0.61
C ALA A 152 -20.11 -13.67 0.24
N ARG A 153 -20.11 -12.34 0.36
CA ARG A 153 -18.96 -11.53 -0.06
C ARG A 153 -18.48 -10.59 1.06
N GLN A 154 -18.09 -11.18 2.18
CA GLN A 154 -17.72 -10.42 3.36
C GLN A 154 -16.26 -10.63 3.75
N THR A 155 -15.63 -9.54 4.22
CA THR A 155 -14.24 -9.52 4.66
C THR A 155 -14.15 -9.09 6.09
N LEU A 156 -13.27 -9.71 6.87
CA LEU A 156 -12.97 -9.25 8.24
C LEU A 156 -11.47 -8.90 8.33
N TRP A 157 -11.20 -7.65 8.70
CA TRP A 157 -9.83 -7.13 8.80
C TRP A 157 -9.55 -6.69 10.22
N GLY A 158 -8.32 -6.90 10.63
CA GLY A 158 -7.82 -6.38 11.91
C GLY A 158 -6.30 -6.30 11.97
N HIS A 159 -5.81 -5.45 12.88
CA HIS A 159 -4.39 -5.18 13.04
C HIS A 159 -4.00 -5.46 14.49
N ALA A 160 -2.88 -6.15 14.65
CA ALA A 160 -2.28 -6.44 15.97
C ALA A 160 -3.22 -7.34 16.82
N TYR A 161 -3.73 -6.90 17.97
CA TYR A 161 -4.77 -7.71 18.64
C TYR A 161 -6.00 -7.94 17.75
N GLY A 162 -6.33 -6.96 16.90
CA GLY A 162 -7.38 -7.15 15.89
C GLY A 162 -7.04 -8.31 14.96
N GLY A 163 -5.76 -8.43 14.56
CA GLY A 163 -5.32 -9.54 13.71
C GLY A 163 -5.35 -10.89 14.44
N LEU A 164 -5.08 -10.87 15.72
CA LEU A 164 -5.27 -12.05 16.56
C LEU A 164 -6.71 -12.54 16.51
N LEU A 165 -7.66 -11.61 16.64
N LEU A 165 -7.66 -11.61 16.64
CA LEU A 165 -9.09 -11.96 16.58
CA LEU A 165 -9.07 -11.97 16.58
C LEU A 165 -9.46 -12.53 15.21
C LEU A 165 -9.44 -12.53 15.21
N VAL A 166 -8.92 -11.92 14.14
CA VAL A 166 -9.16 -12.43 12.79
C VAL A 166 -8.66 -13.87 12.66
N LEU A 167 -7.49 -14.17 13.20
CA LEU A 167 -6.94 -15.52 13.06
C LEU A 167 -7.78 -16.49 13.91
N HIS A 168 -8.16 -16.07 15.10
CA HIS A 168 -9.11 -16.88 15.92
C HIS A 168 -10.37 -17.24 15.16
N ALA A 169 -10.97 -16.26 14.49
CA ALA A 169 -12.17 -16.49 13.71
C ALA A 169 -11.94 -17.52 12.61
N LEU A 170 -10.88 -17.33 11.81
CA LEU A 170 -10.60 -18.26 10.72
C LEU A 170 -10.29 -19.67 11.29
N PHE A 171 -9.45 -19.72 12.30
CA PHE A 171 -8.92 -21.02 12.76
C PHE A 171 -9.98 -21.85 13.49
N THR A 172 -10.85 -21.20 14.24
CA THR A 172 -11.84 -21.91 15.07
C THR A 172 -13.27 -21.88 14.56
N ARG A 173 -13.64 -20.93 13.70
CA ARG A 173 -15.00 -20.84 13.19
C ARG A 173 -15.02 -20.39 11.74
N PRO A 174 -14.30 -21.12 10.87
CA PRO A 174 -14.19 -20.71 9.49
C PRO A 174 -15.54 -20.72 8.80
N GLY A 175 -15.71 -19.83 7.83
CA GLY A 175 -16.89 -19.83 6.97
C GLY A 175 -17.83 -18.65 7.19
N GLU A 176 -17.65 -17.91 8.28
CA GLU A 176 -18.49 -16.75 8.54
C GLU A 176 -18.17 -15.60 7.56
N PHE A 177 -16.93 -15.56 7.08
CA PHE A 177 -16.48 -14.53 6.13
C PHE A 177 -15.78 -15.25 4.95
N ALA A 178 -15.82 -14.63 3.77
CA ALA A 178 -15.09 -15.14 2.61
C ALA A 178 -13.60 -14.84 2.64
N ARG A 179 -13.22 -13.72 3.23
CA ARG A 179 -11.85 -13.24 3.22
C ARG A 179 -11.53 -12.72 4.61
N TYR A 180 -10.43 -13.20 5.14
CA TYR A 180 -9.85 -12.80 6.44
C TYR A 180 -8.56 -12.05 6.19
N ALA A 181 -8.36 -10.92 6.85
CA ALA A 181 -7.22 -10.08 6.59
C ALA A 181 -6.59 -9.64 7.91
N ALA A 182 -5.41 -10.16 8.20
CA ALA A 182 -4.71 -9.94 9.46
C ALA A 182 -3.38 -9.25 9.25
N ALA A 183 -3.29 -8.01 9.75
CA ALA A 183 -2.11 -7.19 9.63
C ALA A 183 -1.35 -7.21 10.95
N SER A 184 -0.08 -7.55 10.88
CA SER A 184 0.80 -7.65 12.05
C SER A 184 0.11 -8.34 13.24
N PRO A 185 -0.48 -9.51 13.01
CA PRO A 185 -1.26 -10.11 14.10
C PRO A 185 -0.28 -10.42 15.23
N SER A 186 -0.77 -10.38 16.45
CA SER A 186 0.06 -10.49 17.64
C SER A 186 0.39 -11.96 17.96
N LEU A 187 1.20 -12.58 17.11
CA LEU A 187 1.41 -14.03 17.19
C LEU A 187 2.15 -14.43 18.50
N TRP A 188 2.89 -13.48 19.07
CA TRP A 188 3.58 -13.64 20.36
C TRP A 188 2.62 -13.86 21.56
N TRP A 189 1.36 -13.47 21.42
CA TRP A 189 0.38 -13.52 22.52
C TRP A 189 0.32 -14.89 23.24
N ARG A 190 0.46 -14.87 24.56
CA ARG A 190 0.48 -16.08 25.38
C ARG A 190 1.39 -17.15 24.81
N ASP A 191 2.64 -16.75 24.56
CA ASP A 191 3.69 -17.61 24.03
C ASP A 191 3.27 -18.40 22.82
N GLY A 192 2.58 -17.75 21.89
CA GLY A 192 2.24 -18.41 20.64
C GLY A 192 0.96 -19.21 20.67
N ALA A 193 0.06 -18.91 21.60
CA ALA A 193 -1.17 -19.71 21.76
C ALA A 193 -2.03 -19.76 20.49
N ILE A 194 -2.03 -18.68 19.70
CA ILE A 194 -2.91 -18.66 18.52
C ILE A 194 -2.45 -19.71 17.52
N LEU A 195 -1.14 -19.99 17.51
CA LEU A 195 -0.58 -20.94 16.57
C LEU A 195 -1.12 -22.34 16.86
N GLY A 196 -1.38 -22.65 18.13
CA GLY A 196 -2.07 -23.89 18.52
C GLY A 196 -3.49 -24.02 17.98
N GLU A 197 -4.20 -22.89 17.86
CA GLU A 197 -5.60 -22.94 17.45
C GLU A 197 -5.72 -23.32 15.98
N ARG A 198 -4.63 -23.20 15.22
CA ARG A 198 -4.62 -23.56 13.81
C ARG A 198 -4.71 -25.07 13.62
N ALA A 199 -4.27 -25.83 14.61
CA ALA A 199 -4.30 -27.30 14.47
C ALA A 199 -5.75 -27.75 14.30
N GLY A 200 -6.04 -28.56 13.29
CA GLY A 200 -7.41 -28.98 13.01
C GLY A 200 -8.15 -28.17 11.94
N LEU A 201 -7.52 -27.12 11.41
CA LEU A 201 -8.21 -26.22 10.49
C LEU A 201 -8.70 -26.96 9.25
N GLU A 202 -7.87 -27.83 8.67
N GLU A 202 -7.86 -27.82 8.68
CA GLU A 202 -8.28 -28.47 7.40
CA GLU A 202 -8.20 -28.55 7.46
C GLU A 202 -9.59 -29.25 7.57
C GLU A 202 -9.57 -29.25 7.58
N GLN A 203 -9.76 -29.91 8.72
CA GLN A 203 -11.01 -30.59 9.03
C GLN A 203 -12.19 -29.62 9.16
N ARG A 204 -12.00 -28.52 9.88
CA ARG A 204 -13.06 -27.52 10.04
C ARG A 204 -13.42 -26.80 8.74
N LEU A 205 -12.48 -26.76 7.80
CA LEU A 205 -12.72 -26.11 6.50
C LEU A 205 -13.40 -27.04 5.47
N ARG A 206 -13.65 -28.30 5.84
CA ARG A 206 -14.19 -29.24 4.89
C ARG A 206 -15.51 -28.70 4.34
N GLY A 207 -15.64 -28.68 3.02
CA GLY A 207 -16.86 -28.18 2.38
C GLY A 207 -16.95 -26.67 2.28
N LYS A 208 -15.86 -25.98 2.64
CA LYS A 208 -15.83 -24.53 2.66
C LYS A 208 -14.55 -24.03 2.00
N ARG A 209 -14.55 -22.73 1.70
CA ARG A 209 -13.39 -22.06 1.11
C ARG A 209 -13.19 -20.75 1.87
N ALA A 210 -11.93 -20.36 2.02
CA ALA A 210 -11.60 -19.08 2.62
C ALA A 210 -10.32 -18.56 1.99
N GLU A 211 -10.18 -17.25 2.03
CA GLU A 211 -8.95 -16.55 1.68
C GLU A 211 -8.41 -15.89 2.95
N LEU A 212 -7.09 -15.97 3.15
CA LEU A 212 -6.40 -15.27 4.21
C LEU A 212 -5.29 -14.37 3.64
N LEU A 213 -5.37 -13.08 3.94
CA LEU A 213 -4.31 -12.13 3.64
C LEU A 213 -3.56 -11.80 4.91
N LEU A 214 -2.23 -11.79 4.84
CA LEU A 214 -1.36 -11.50 5.97
C LEU A 214 -0.35 -10.42 5.58
N TRP A 215 -0.08 -9.53 6.52
CA TRP A 215 0.96 -8.53 6.38
C TRP A 215 1.85 -8.50 7.64
N ARG A 216 3.11 -8.13 7.43
CA ARG A 216 4.03 -7.77 8.51
C ARG A 216 5.05 -6.77 8.00
N GLY A 217 5.44 -5.84 8.86
CA GLY A 217 6.41 -4.80 8.54
C GLY A 217 7.84 -5.27 8.75
N SER A 218 8.74 -4.92 7.82
CA SER A 218 10.14 -5.38 7.89
C SER A 218 10.86 -4.84 9.12
N ALA A 219 10.40 -3.72 9.68
CA ALA A 219 11.06 -3.12 10.83
C ALA A 219 10.44 -3.53 12.17
N GLU A 220 9.47 -4.44 12.17
CA GLU A 220 8.81 -4.78 13.44
C GLU A 220 9.64 -5.76 14.27
N PRO A 221 9.71 -5.56 15.57
CA PRO A 221 10.25 -6.62 16.44
C PRO A 221 9.28 -7.81 16.52
N ALA A 222 9.73 -8.89 17.14
CA ALA A 222 8.88 -10.08 17.34
C ALA A 222 7.75 -9.85 18.33
N SER A 223 7.98 -8.95 19.28
CA SER A 223 6.99 -8.71 20.34
C SER A 223 7.24 -7.33 20.93
N PRO A 224 6.29 -6.80 21.70
CA PRO A 224 6.40 -5.42 22.19
C PRO A 224 7.43 -5.16 23.29
N ARG A 225 7.93 -6.23 23.90
CA ARG A 225 9.02 -6.12 24.89
C ARG A 225 10.19 -7.04 24.52
N GLU A 231 12.96 -14.00 17.58
CA GLU A 231 13.53 -13.55 16.31
C GLU A 231 12.49 -12.95 15.34
N PRO A 232 12.68 -11.68 14.93
CA PRO A 232 11.63 -11.02 14.18
C PRO A 232 11.36 -11.71 12.84
N GLY A 233 10.11 -12.04 12.59
CA GLY A 233 9.71 -12.57 11.29
C GLY A 233 9.58 -14.08 11.28
N GLN A 234 10.16 -14.73 12.28
CA GLN A 234 10.32 -16.19 12.22
C GLN A 234 9.00 -16.91 12.41
N ALA A 235 8.24 -16.48 13.42
CA ALA A 235 6.93 -17.07 13.69
C ALA A 235 5.99 -16.89 12.48
N MET A 236 5.99 -15.70 11.89
CA MET A 236 5.16 -15.45 10.72
C MET A 236 5.60 -16.34 9.55
N ALA A 237 6.91 -16.41 9.29
CA ALA A 237 7.41 -17.25 8.20
C ALA A 237 6.99 -18.73 8.39
N ARG A 238 7.04 -19.22 9.61
CA ARG A 238 6.64 -20.59 9.87
C ARG A 238 5.13 -20.81 9.64
N LEU A 239 4.33 -19.87 10.13
CA LEU A 239 2.87 -19.92 9.93
C LEU A 239 2.49 -19.91 8.46
N VAL A 240 3.12 -19.02 7.70
CA VAL A 240 2.86 -18.91 6.27
C VAL A 240 3.17 -20.25 5.57
N ASP A 241 4.35 -20.80 5.86
CA ASP A 241 4.77 -22.09 5.30
C ASP A 241 3.75 -23.20 5.58
N ASP A 242 3.26 -23.26 6.82
CA ASP A 242 2.23 -24.23 7.22
C ASP A 242 0.87 -24.06 6.51
N LEU A 243 0.35 -22.84 6.54
CA LEU A 243 -0.93 -22.56 5.91
C LEU A 243 -0.94 -22.71 4.39
N ARG A 244 0.22 -22.59 3.73
CA ARG A 244 0.27 -22.83 2.28
C ARG A 244 -0.13 -24.26 1.92
N ARG A 245 -0.11 -25.15 2.90
CA ARG A 245 -0.46 -26.55 2.71
C ARG A 245 -1.94 -26.88 2.90
N VAL A 246 -2.75 -25.91 3.30
CA VAL A 246 -4.09 -26.21 3.80
C VAL A 246 -5.09 -26.18 2.64
N ALA A 247 -5.71 -27.32 2.38
CA ALA A 247 -6.70 -27.37 1.30
C ALA A 247 -7.97 -26.59 1.66
N GLY A 248 -8.48 -25.87 0.68
CA GLY A 248 -9.62 -24.97 0.86
C GLY A 248 -9.20 -23.52 1.18
N LEU A 249 -7.93 -23.31 1.51
CA LEU A 249 -7.46 -21.97 1.98
C LEU A 249 -6.55 -21.34 0.95
N THR A 250 -6.91 -20.17 0.45
CA THR A 250 -6.03 -19.41 -0.41
C THR A 250 -5.31 -18.38 0.45
N LEU A 251 -4.00 -18.34 0.37
CA LEU A 251 -3.17 -17.58 1.27
C LEU A 251 -2.34 -16.57 0.50
N ASP A 252 -2.27 -15.31 0.98
CA ASP A 252 -1.43 -14.29 0.34
C ASP A 252 -0.70 -13.54 1.45
N PHE A 253 0.62 -13.70 1.50
CA PHE A 253 1.46 -12.99 2.49
C PHE A 253 2.17 -11.84 1.79
N GLN A 254 2.04 -10.64 2.36
CA GLN A 254 2.65 -9.44 1.81
C GLN A 254 3.53 -8.79 2.88
N PRO A 255 4.85 -8.92 2.76
CA PRO A 255 5.75 -8.18 3.67
C PRO A 255 5.77 -6.71 3.26
N LEU A 256 5.96 -5.83 4.23
CA LEU A 256 5.89 -4.39 3.99
C LEU A 256 7.24 -3.75 4.30
N ASP A 257 8.08 -3.66 3.26
CA ASP A 257 9.40 -3.06 3.33
C ASP A 257 9.33 -1.64 3.87
N GLY A 258 10.10 -1.42 4.92
CA GLY A 258 10.29 -0.07 5.42
C GLY A 258 9.38 0.30 6.59
N LEU A 259 8.45 -0.58 6.98
CA LEU A 259 7.44 -0.21 8.02
C LEU A 259 7.57 -0.90 9.35
N GLY A 260 7.30 -0.13 10.41
CA GLY A 260 7.21 -0.66 11.76
C GLY A 260 5.76 -0.88 12.20
N HIS A 261 5.57 -1.24 13.47
CA HIS A 261 4.34 -1.87 13.94
C HIS A 261 3.10 -0.98 13.75
N GLY A 262 3.16 0.27 14.18
CA GLY A 262 2.02 1.19 14.05
C GLY A 262 1.61 1.44 12.60
N GLU A 263 2.59 1.46 11.70
CA GLU A 263 2.37 1.94 10.35
C GLU A 263 1.75 0.88 9.46
N THR A 264 1.77 -0.38 9.88
CA THR A 264 1.18 -1.44 9.05
C THR A 264 -0.36 -1.44 9.13
N LEU A 265 -0.93 -0.68 10.06
CA LEU A 265 -2.40 -0.56 10.13
C LEU A 265 -2.91 0.12 8.88
N GLY A 266 -2.49 1.37 8.66
CA GLY A 266 -2.90 2.07 7.45
C GLY A 266 -2.47 1.42 6.16
N ALA A 267 -1.24 0.90 6.12
CA ALA A 267 -0.70 0.30 4.93
C ALA A 267 -1.53 -0.91 4.52
N SER A 268 -1.84 -1.77 5.50
CA SER A 268 -2.61 -2.99 5.20
C SER A 268 -3.99 -2.64 4.68
N LEU A 269 -4.60 -1.61 5.27
CA LEU A 269 -5.96 -1.26 4.87
C LEU A 269 -6.00 -0.66 3.47
N ARG A 270 -5.03 0.20 3.15
CA ARG A 270 -4.96 0.73 1.78
C ARG A 270 -4.77 -0.38 0.77
N LEU A 271 -3.90 -1.32 1.09
CA LEU A 271 -3.60 -2.41 0.17
C LEU A 271 -4.76 -3.40 0.05
N LEU A 272 -5.43 -3.69 1.17
CA LEU A 272 -6.62 -4.51 1.13
C LEU A 272 -7.68 -3.92 0.20
N LEU A 273 -7.93 -2.64 0.37
CA LEU A 273 -9.01 -1.99 -0.38
C LEU A 273 -8.66 -1.80 -1.86
N ALA A 274 -7.37 -1.92 -2.19
CA ALA A 274 -6.94 -1.97 -3.59
C ALA A 274 -7.07 -3.35 -4.25
N ARG A 275 -7.27 -4.42 -3.48
CA ARG A 275 -7.42 -5.75 -4.05
C ARG A 275 -8.72 -5.85 -4.84
N PRO A 276 -8.77 -6.77 -5.81
CA PRO A 276 -10.06 -7.15 -6.42
C PRO A 276 -11.04 -7.58 -5.32
N ALA A 277 -12.30 -7.21 -5.51
CA ALA A 277 -13.40 -7.59 -4.60
C ALA A 277 -13.51 -9.10 -4.46
N VAL A 278 -14.00 -9.54 -3.30
CA VAL A 278 -14.26 -10.96 -3.07
C VAL A 278 -15.20 -11.49 -4.16
N GLU A 279 -14.89 -12.67 -4.64
CA GLU A 279 -15.65 -13.29 -5.74
C GLU A 279 -17.03 -13.68 -5.23
N ALA B 9 23.29 1.83 4.20
CA ALA B 9 22.48 0.60 3.93
C ALA B 9 22.84 0.03 2.55
N THR B 10 22.91 -1.29 2.48
CA THR B 10 23.15 -2.00 1.22
C THR B 10 21.84 -2.45 0.55
N MET B 11 21.93 -2.63 -0.76
CA MET B 11 20.82 -3.15 -1.56
C MET B 11 20.33 -4.55 -1.13
N ASP B 12 19.01 -4.73 -1.15
CA ASP B 12 18.38 -6.07 -1.08
C ASP B 12 18.44 -6.79 -2.45
N ARG B 13 19.23 -7.87 -2.50
CA ARG B 13 19.45 -8.59 -3.77
C ARG B 13 18.71 -9.93 -3.90
N SER B 14 18.04 -10.38 -2.83
CA SER B 14 17.45 -11.73 -2.78
C SER B 14 16.36 -11.95 -3.84
N LEU B 15 15.62 -10.88 -4.14
CA LEU B 15 14.65 -10.88 -5.23
C LEU B 15 15.25 -11.33 -6.57
N LEU B 16 16.48 -10.88 -6.86
CA LEU B 16 17.02 -10.93 -8.21
C LEU B 16 17.38 -12.34 -8.67
N GLN B 17 17.64 -13.23 -7.71
CA GLN B 17 17.96 -14.63 -8.02
C GLN B 17 16.70 -15.52 -8.16
N ARG B 18 15.61 -15.14 -7.50
CA ARG B 18 14.47 -16.03 -7.30
C ARG B 18 13.88 -16.59 -8.60
N GLN B 19 13.47 -17.86 -8.55
CA GLN B 19 12.91 -18.58 -9.69
C GLN B 19 11.43 -18.89 -9.51
N ASP B 20 10.85 -18.50 -8.38
CA ASP B 20 9.52 -18.98 -8.02
C ASP B 20 8.44 -17.93 -8.24
N LEU B 21 8.76 -16.84 -8.93
CA LEU B 21 7.82 -15.77 -9.18
C LEU B 21 7.50 -15.67 -10.67
N PRO B 22 6.40 -14.98 -11.02
CA PRO B 22 6.08 -14.86 -12.44
C PRO B 22 6.90 -13.79 -13.16
N TYR B 23 8.04 -13.44 -12.61
CA TYR B 23 9.00 -12.49 -13.21
C TYR B 23 10.38 -13.12 -13.21
N ARG B 24 11.19 -12.78 -14.19
CA ARG B 24 12.63 -13.03 -14.15
C ARG B 24 13.37 -11.71 -14.36
N PHE B 25 14.46 -11.53 -13.62
CA PHE B 25 15.21 -10.28 -13.62
C PHE B 25 16.56 -10.46 -14.30
N SER B 26 16.96 -9.47 -15.08
CA SER B 26 18.31 -9.40 -15.67
C SER B 26 18.82 -7.96 -15.58
N ALA B 27 20.13 -7.77 -15.73
CA ALA B 27 20.76 -6.44 -15.66
C ALA B 27 21.17 -5.94 -17.05
N VAL B 28 20.95 -4.65 -17.30
CA VAL B 28 21.47 -3.93 -18.45
C VAL B 28 22.31 -2.76 -17.93
N ASP B 29 23.59 -2.70 -18.28
CA ASP B 29 24.50 -1.68 -17.80
C ASP B 29 24.75 -0.58 -18.86
N LEU B 30 24.84 0.67 -18.40
CA LEU B 30 25.20 1.80 -19.26
C LEU B 30 25.99 2.81 -18.42
N ASP B 31 26.86 3.56 -19.04
CA ASP B 31 27.51 4.72 -18.38
C ASP B 31 26.90 6.01 -18.88
N SER B 32 27.05 7.09 -18.13
CA SER B 32 26.64 8.41 -18.60
C SER B 32 27.54 8.85 -19.75
N VAL B 33 27.04 9.76 -20.56
CA VAL B 33 27.78 10.23 -21.72
C VAL B 33 29.14 10.81 -21.29
N ASP B 34 29.16 11.55 -20.17
CA ASP B 34 30.40 12.12 -19.64
C ASP B 34 31.33 11.12 -18.95
N GLY B 35 30.90 9.87 -18.84
CA GLY B 35 31.73 8.84 -18.25
C GLY B 35 31.81 8.79 -16.74
N GLN B 36 31.12 9.70 -16.05
CA GLN B 36 31.32 9.85 -14.60
C GLN B 36 30.32 9.07 -13.76
N ARG B 37 29.20 8.65 -14.35
CA ARG B 37 28.19 7.90 -13.59
C ARG B 37 27.90 6.58 -14.26
N HIS B 38 27.64 5.57 -13.45
CA HIS B 38 27.61 4.19 -13.87
C HIS B 38 26.29 3.55 -13.47
N TYR B 39 25.44 3.24 -14.46
CA TYR B 39 24.07 2.77 -14.23
C TYR B 39 24.00 1.26 -14.36
N ARG B 40 23.08 0.68 -13.58
CA ARG B 40 22.61 -0.66 -13.79
C ARG B 40 21.11 -0.66 -13.79
N LEU B 41 20.51 -1.08 -14.90
CA LEU B 41 19.06 -1.19 -14.99
C LEU B 41 18.69 -2.64 -14.68
N TRP B 42 17.85 -2.83 -13.68
N TRP B 42 17.85 -2.84 -13.67
CA TRP B 42 17.31 -4.15 -13.41
CA TRP B 42 17.32 -4.16 -13.41
C TRP B 42 15.99 -4.30 -14.11
C TRP B 42 16.01 -4.27 -14.15
N LEU B 43 15.93 -5.25 -15.05
CA LEU B 43 14.73 -5.46 -15.90
C LEU B 43 13.96 -6.65 -15.36
N GLY B 44 12.73 -6.42 -14.91
CA GLY B 44 11.84 -7.51 -14.53
C GLY B 44 10.90 -7.81 -15.67
N ARG B 45 11.07 -8.98 -16.29
CA ARG B 45 10.25 -9.36 -17.45
C ARG B 45 9.27 -10.45 -17.01
N PRO B 46 7.96 -10.24 -17.25
CA PRO B 46 6.93 -11.24 -16.96
C PRO B 46 7.22 -12.55 -17.71
N LEU B 47 6.86 -13.68 -17.13
CA LEU B 47 6.88 -14.94 -17.89
C LEU B 47 5.79 -14.93 -18.95
N GLN B 48 4.70 -14.22 -18.65
CA GLN B 48 3.67 -13.93 -19.64
C GLN B 48 4.24 -13.41 -20.96
N ALA B 49 3.74 -13.96 -22.06
CA ALA B 49 4.08 -13.48 -23.39
C ALA B 49 3.58 -12.04 -23.57
N PRO B 50 4.32 -11.24 -24.34
CA PRO B 50 3.92 -9.86 -24.51
C PRO B 50 2.64 -9.75 -25.30
N PRO B 51 1.79 -8.78 -24.97
CA PRO B 51 0.71 -8.40 -25.87
C PRO B 51 1.24 -8.05 -27.26
N ALA B 52 0.35 -8.06 -28.26
CA ALA B 52 0.73 -7.69 -29.62
C ALA B 52 1.35 -6.28 -29.65
N ALA B 53 0.81 -5.34 -28.89
CA ALA B 53 1.34 -3.98 -28.85
C ALA B 53 2.58 -3.79 -27.92
N GLY B 54 3.07 -4.86 -27.30
CA GLY B 54 4.20 -4.80 -26.37
C GLY B 54 3.79 -4.73 -24.88
N TYR B 55 4.75 -4.96 -23.97
CA TYR B 55 4.47 -4.74 -22.54
C TYR B 55 4.30 -3.24 -22.18
N PRO B 56 3.36 -2.91 -21.29
CA PRO B 56 3.45 -1.60 -20.64
C PRO B 56 4.69 -1.60 -19.77
N VAL B 57 5.21 -0.41 -19.45
N VAL B 57 5.28 -0.43 -19.49
CA VAL B 57 6.51 -0.32 -18.80
CA VAL B 57 6.52 -0.45 -18.72
C VAL B 57 6.41 0.60 -17.58
C VAL B 57 6.52 0.60 -17.63
N VAL B 58 6.98 0.18 -16.47
CA VAL B 58 7.10 1.06 -15.27
C VAL B 58 8.60 1.27 -15.00
N TRP B 59 9.02 2.50 -15.18
CA TRP B 59 10.42 2.94 -14.97
C TRP B 59 10.50 3.52 -13.58
N MET B 60 11.45 3.03 -12.77
CA MET B 60 11.64 3.49 -11.43
C MET B 60 13.02 4.11 -11.18
N LEU B 61 13.04 5.34 -10.66
CA LEU B 61 14.29 5.97 -10.21
C LEU B 61 14.71 5.37 -8.88
N ASP B 62 15.89 5.76 -8.39
CA ASP B 62 16.53 5.13 -7.24
C ASP B 62 16.42 3.61 -7.28
N GLY B 63 16.89 3.04 -8.39
CA GLY B 63 16.53 1.68 -8.71
C GLY B 63 17.02 0.65 -7.70
N ASN B 64 18.15 0.94 -7.03
CA ASN B 64 18.66 -0.02 -6.04
C ASN B 64 17.64 -0.12 -4.86
N ALA B 65 17.08 1.02 -4.47
CA ALA B 65 16.05 1.04 -3.43
C ALA B 65 14.71 0.47 -3.91
N ALA B 66 14.35 0.79 -5.14
CA ALA B 66 13.10 0.31 -5.72
C ALA B 66 13.03 -1.20 -5.75
N VAL B 67 14.14 -1.86 -6.13
CA VAL B 67 14.23 -3.32 -6.09
C VAL B 67 13.92 -3.92 -4.72
N GLY B 68 14.46 -3.34 -3.66
CA GLY B 68 14.11 -3.71 -2.28
C GLY B 68 12.64 -3.59 -1.89
N ALA B 69 11.88 -2.77 -2.60
CA ALA B 69 10.49 -2.55 -2.26
C ALA B 69 9.51 -3.35 -3.16
N LEU B 70 10.04 -4.12 -4.09
CA LEU B 70 9.18 -4.94 -4.99
C LEU B 70 8.88 -6.27 -4.30
N ASP B 71 7.75 -6.35 -3.62
CA ASP B 71 7.48 -7.49 -2.76
C ASP B 71 6.85 -8.64 -3.55
N GLU B 72 6.98 -9.85 -3.02
CA GLU B 72 6.46 -11.06 -3.68
C GLU B 72 4.97 -11.05 -3.97
N SER B 73 4.17 -10.49 -3.06
CA SER B 73 2.74 -10.41 -3.26
C SER B 73 2.37 -9.53 -4.44
N THR B 74 2.95 -8.33 -4.50
CA THR B 74 2.77 -7.42 -5.63
C THR B 74 3.15 -8.08 -6.95
N LEU B 75 4.32 -8.71 -6.97
CA LEU B 75 4.82 -9.33 -8.18
C LEU B 75 3.90 -10.48 -8.66
N ARG B 76 3.41 -11.31 -7.75
N ARG B 76 3.44 -11.31 -7.72
CA ARG B 76 2.46 -12.35 -8.14
CA ARG B 76 2.43 -12.35 -8.00
C ARG B 76 1.17 -11.80 -8.67
C ARG B 76 1.21 -11.77 -8.67
N ARG B 77 0.63 -10.76 -8.06
CA ARG B 77 -0.65 -10.20 -8.52
C ARG B 77 -0.54 -9.30 -9.75
N LEU B 78 0.66 -8.80 -10.05
CA LEU B 78 0.89 -8.10 -11.32
C LEU B 78 0.65 -9.00 -12.54
N ALA B 79 0.83 -10.30 -12.36
CA ALA B 79 0.59 -11.26 -13.47
C ALA B 79 -0.91 -11.52 -13.68
N ASP B 80 -1.59 -10.54 -14.26
CA ASP B 80 -3.05 -10.57 -14.44
C ASP B 80 -3.46 -10.67 -15.91
N GLY B 81 -2.52 -11.03 -16.77
CA GLY B 81 -2.74 -11.06 -18.21
C GLY B 81 -2.24 -9.83 -18.96
N ASP B 82 -1.92 -8.76 -18.22
CA ASP B 82 -1.32 -7.54 -18.80
C ASP B 82 -0.18 -7.03 -17.89
N ALA B 83 0.70 -7.94 -17.48
CA ALA B 83 1.80 -7.60 -16.57
C ALA B 83 2.77 -6.62 -17.25
N PRO B 84 3.29 -5.64 -16.48
CA PRO B 84 4.26 -4.72 -16.97
C PRO B 84 5.68 -5.22 -16.96
N LEU B 85 6.46 -4.71 -17.91
CA LEU B 85 7.91 -4.74 -17.77
C LEU B 85 8.34 -3.71 -16.70
N LEU B 86 9.12 -4.15 -15.73
CA LEU B 86 9.64 -3.30 -14.66
C LEU B 86 11.08 -2.93 -14.96
N VAL B 87 11.40 -1.64 -14.92
CA VAL B 87 12.80 -1.22 -15.15
C VAL B 87 13.23 -0.33 -14.00
N ALA B 88 14.06 -0.88 -13.14
CA ALA B 88 14.65 -0.09 -12.04
C ALA B 88 15.99 0.50 -12.46
N ILE B 89 16.06 1.83 -12.52
CA ILE B 89 17.25 2.54 -12.96
C ILE B 89 18.15 2.83 -11.76
N GLY B 90 19.12 1.96 -11.55
CA GLY B 90 19.99 2.08 -10.37
C GLY B 90 21.41 2.40 -10.76
N TYR B 91 22.29 2.38 -9.77
CA TYR B 91 23.70 2.72 -9.94
C TYR B 91 24.54 1.49 -9.59
N ARG B 92 25.72 1.39 -10.23
CA ARG B 92 26.59 0.24 -10.00
C ARG B 92 27.37 0.39 -8.72
N THR B 93 26.72 0.00 -7.63
CA THR B 93 27.26 0.12 -6.27
C THR B 93 26.43 -0.83 -5.41
N PRO B 94 27.02 -1.35 -4.32
CA PRO B 94 26.28 -2.21 -3.40
C PRO B 94 25.25 -1.46 -2.52
N LEU B 95 25.35 -0.13 -2.48
CA LEU B 95 24.52 0.67 -1.57
C LEU B 95 23.10 0.82 -2.12
N ARG B 96 22.19 1.08 -1.21
CA ARG B 96 20.77 1.27 -1.54
C ARG B 96 20.55 2.57 -2.32
N ILE B 97 21.36 3.58 -1.99
CA ILE B 97 21.21 4.93 -2.54
C ILE B 97 22.62 5.43 -2.96
N ASP B 98 22.73 6.13 -4.09
CA ASP B 98 24.03 6.69 -4.55
C ASP B 98 23.95 8.22 -4.56
N ARG B 99 24.48 8.84 -3.51
CA ARG B 99 24.16 10.24 -3.28
C ARG B 99 24.70 11.16 -4.38
N ALA B 100 25.94 10.94 -4.81
CA ALA B 100 26.52 11.80 -5.84
C ALA B 100 25.78 11.70 -7.21
N GLY B 101 25.50 10.47 -7.60
CA GLY B 101 24.85 10.22 -8.88
C GLY B 101 23.47 10.83 -8.90
N ARG B 102 22.67 10.54 -7.87
CA ARG B 102 21.32 11.06 -7.83
C ARG B 102 21.29 12.58 -7.68
N THR B 103 22.22 13.16 -6.92
CA THR B 103 22.23 14.61 -6.78
C THR B 103 22.43 15.30 -8.12
N PHE B 104 23.32 14.77 -8.96
CA PHE B 104 23.52 15.36 -10.27
C PHE B 104 22.35 15.03 -11.26
N ASP B 105 21.98 13.76 -11.29
CA ASP B 105 21.03 13.28 -12.32
C ASP B 105 19.59 13.78 -12.13
N TYR B 106 19.18 14.02 -10.89
CA TYR B 106 17.77 14.26 -10.59
C TYR B 106 17.41 15.73 -10.41
N THR B 107 18.39 16.63 -10.49
CA THR B 107 18.15 18.04 -10.21
C THR B 107 18.27 18.86 -11.48
N PRO B 108 17.29 19.75 -11.70
CA PRO B 108 17.32 20.65 -12.85
C PRO B 108 18.44 21.68 -12.75
N ALA B 109 18.81 22.21 -13.90
CA ALA B 109 19.84 23.26 -13.97
C ALA B 109 19.29 24.57 -13.39
N SER B 110 20.16 25.35 -12.75
CA SER B 110 19.81 26.69 -12.28
C SER B 110 20.37 27.72 -13.26
N PRO B 111 19.49 28.35 -14.07
CA PRO B 111 19.92 29.46 -14.91
C PRO B 111 19.88 30.78 -14.16
N GLN B 116 27.76 24.42 -10.80
CA GLN B 116 26.64 24.62 -9.87
C GLN B 116 26.46 23.43 -8.93
N ARG B 117 26.14 23.73 -7.68
CA ARG B 117 26.36 22.80 -6.59
C ARG B 117 25.12 22.78 -5.70
N ASP B 118 24.84 21.61 -5.15
CA ASP B 118 23.67 21.44 -4.31
C ASP B 118 23.86 22.29 -3.04
N PRO B 119 22.87 23.15 -2.71
CA PRO B 119 23.01 24.06 -1.55
C PRO B 119 23.14 23.35 -0.22
N LEU B 120 22.64 22.11 -0.15
CA LEU B 120 22.63 21.35 1.10
C LEU B 120 23.83 20.45 1.24
N ASN B 121 24.10 19.61 0.23
CA ASN B 121 25.19 18.64 0.36
C ASN B 121 26.46 19.00 -0.45
N GLY B 122 26.40 20.07 -1.23
CA GLY B 122 27.61 20.62 -1.89
C GLY B 122 28.08 19.87 -3.13
N LEU B 123 27.38 18.79 -3.49
CA LEU B 123 27.79 17.97 -4.64
C LEU B 123 27.27 18.60 -5.95
N PRO B 124 27.91 18.27 -7.10
CA PRO B 124 27.50 18.88 -8.37
C PRO B 124 26.02 18.56 -8.67
N SER B 125 25.33 19.53 -9.25
CA SER B 125 23.87 19.41 -9.48
C SER B 125 23.59 19.91 -10.87
N GLY B 126 22.36 19.69 -11.38
CA GLY B 126 21.93 20.26 -12.65
C GLY B 126 21.89 19.32 -13.87
N GLY B 127 21.99 18.01 -13.64
CA GLY B 127 22.07 17.03 -14.73
C GLY B 127 20.74 16.41 -15.18
N ALA B 128 19.60 16.97 -14.75
CA ALA B 128 18.31 16.31 -15.05
C ALA B 128 18.07 16.13 -16.55
N ASP B 129 18.34 17.14 -17.35
CA ASP B 129 18.06 17.03 -18.76
C ASP B 129 18.99 16.04 -19.49
N ALA B 130 20.25 15.98 -19.07
CA ALA B 130 21.17 14.96 -19.56
C ALA B 130 20.69 13.56 -19.19
N PHE B 131 20.15 13.41 -17.98
CA PHE B 131 19.64 12.13 -17.53
C PHE B 131 18.41 11.71 -18.35
N LEU B 132 17.46 12.64 -18.55
CA LEU B 132 16.27 12.32 -19.34
C LEU B 132 16.62 12.06 -20.80
N ASP B 133 17.63 12.76 -21.30
CA ASP B 133 18.13 12.49 -22.66
C ASP B 133 18.73 11.09 -22.79
N LEU B 134 19.50 10.67 -21.80
CA LEU B 134 20.03 9.32 -21.76
C LEU B 134 18.95 8.25 -21.65
N LEU B 135 17.91 8.50 -20.85
CA LEU B 135 16.79 7.56 -20.81
C LEU B 135 16.19 7.37 -22.22
N ARG B 136 15.96 8.48 -22.92
CA ARG B 136 15.37 8.46 -24.26
C ARG B 136 16.31 7.85 -25.32
N ASP B 137 17.58 8.22 -25.26
CA ASP B 137 18.51 7.95 -26.37
C ASP B 137 19.43 6.75 -26.13
N GLY B 138 19.47 6.25 -24.91
CA GLY B 138 20.30 5.10 -24.53
C GLY B 138 19.60 3.99 -23.78
N MET B 139 18.86 4.34 -22.74
CA MET B 139 18.21 3.30 -21.91
C MET B 139 17.03 2.63 -22.63
N ARG B 140 16.10 3.40 -23.16
CA ARG B 140 14.98 2.79 -23.85
C ARG B 140 15.43 1.97 -25.08
N PRO B 141 16.37 2.49 -25.90
CA PRO B 141 16.95 1.63 -26.96
C PRO B 141 17.48 0.28 -26.45
N ALA B 142 18.18 0.28 -25.31
CA ALA B 142 18.69 -0.96 -24.76
C ALA B 142 17.60 -1.88 -24.21
N VAL B 143 16.63 -1.32 -23.52
CA VAL B 143 15.54 -2.11 -22.96
C VAL B 143 14.65 -2.69 -24.07
N ALA B 144 14.34 -1.89 -25.08
CA ALA B 144 13.50 -2.34 -26.20
C ALA B 144 14.11 -3.54 -26.96
N ALA B 145 15.42 -3.64 -26.96
CA ALA B 145 16.11 -4.74 -27.63
C ALA B 145 16.00 -6.02 -26.81
N GLN B 146 15.70 -5.91 -25.51
CA GLN B 146 15.50 -7.08 -24.62
C GLN B 146 14.06 -7.53 -24.56
N ALA B 147 13.11 -6.63 -24.77
CA ALA B 147 11.68 -6.96 -24.61
C ALA B 147 10.80 -5.99 -25.40
N PRO B 148 9.75 -6.50 -26.05
CA PRO B 148 8.93 -5.56 -26.81
C PRO B 148 8.12 -4.63 -25.89
N LEU B 149 8.18 -3.32 -26.17
CA LEU B 149 7.55 -2.29 -25.33
C LEU B 149 6.37 -1.64 -26.00
N ASP B 150 5.34 -1.29 -25.22
CA ASP B 150 4.26 -0.46 -25.72
C ASP B 150 4.60 0.97 -25.32
N THR B 151 5.13 1.75 -26.28
CA THR B 151 5.63 3.09 -25.96
C THR B 151 4.54 4.06 -25.53
N ALA B 152 3.28 3.74 -25.80
CA ALA B 152 2.17 4.58 -25.35
C ALA B 152 1.72 4.29 -23.93
N ARG B 153 2.32 3.29 -23.26
CA ARG B 153 1.85 2.88 -21.93
C ARG B 153 3.02 2.78 -20.96
N GLN B 154 3.68 3.91 -20.76
CA GLN B 154 4.85 3.99 -19.89
C GLN B 154 4.59 4.87 -18.69
N THR B 155 5.17 4.46 -17.55
CA THR B 155 5.05 5.18 -16.29
C THR B 155 6.47 5.52 -15.83
N LEU B 156 6.63 6.70 -15.22
CA LEU B 156 7.88 7.10 -14.57
C LEU B 156 7.62 7.41 -13.09
N TRP B 157 8.31 6.72 -12.20
CA TRP B 157 8.15 6.89 -10.75
C TRP B 157 9.47 7.33 -10.12
N GLY B 158 9.36 8.16 -9.10
CA GLY B 158 10.49 8.53 -8.26
C GLY B 158 10.07 9.13 -6.93
N HIS B 159 11.00 9.06 -5.97
CA HIS B 159 10.78 9.46 -4.60
C HIS B 159 11.83 10.52 -4.21
N ALA B 160 11.36 11.56 -3.56
CA ALA B 160 12.22 12.67 -3.03
C ALA B 160 12.93 13.42 -4.19
N TYR B 161 14.25 13.42 -4.28
CA TYR B 161 14.89 13.98 -5.49
C TYR B 161 14.39 13.28 -6.77
N GLY B 162 14.10 11.98 -6.68
CA GLY B 162 13.48 11.27 -7.81
C GLY B 162 12.13 11.84 -8.18
N GLY B 163 11.33 12.24 -7.18
CA GLY B 163 10.09 12.93 -7.42
C GLY B 163 10.24 14.30 -8.05
N LEU B 164 11.28 15.01 -7.64
CA LEU B 164 11.65 16.27 -8.29
C LEU B 164 11.92 16.06 -9.79
N LEU B 165 12.67 15.01 -10.12
N LEU B 165 12.68 15.02 -10.12
CA LEU B 165 12.98 14.69 -11.52
CA LEU B 165 12.96 14.73 -11.52
C LEU B 165 11.70 14.36 -12.29
C LEU B 165 11.66 14.41 -12.28
N VAL B 166 10.80 13.58 -11.68
CA VAL B 166 9.50 13.25 -12.30
C VAL B 166 8.73 14.54 -12.61
N LEU B 167 8.69 15.47 -11.65
CA LEU B 167 7.97 16.75 -11.89
C LEU B 167 8.63 17.58 -12.99
N HIS B 168 9.96 17.61 -12.96
CA HIS B 168 10.69 18.27 -14.08
C HIS B 168 10.32 17.70 -15.45
N ALA B 169 10.26 16.38 -15.53
CA ALA B 169 9.92 15.71 -16.80
C ALA B 169 8.51 16.07 -17.25
N LEU B 170 7.54 15.99 -16.35
CA LEU B 170 6.17 16.34 -16.71
C LEU B 170 6.07 17.82 -17.10
N PHE B 171 6.69 18.69 -16.30
CA PHE B 171 6.49 20.13 -16.49
C PHE B 171 7.15 20.63 -17.79
N THR B 172 8.33 20.09 -18.09
CA THR B 172 9.15 20.65 -19.17
C THR B 172 9.18 19.82 -20.42
N ARG B 173 8.79 18.54 -20.35
CA ARG B 173 8.79 17.67 -21.52
C ARG B 173 7.65 16.67 -21.44
N PRO B 174 6.41 17.18 -21.31
CA PRO B 174 5.28 16.28 -21.14
C PRO B 174 5.08 15.45 -22.40
N GLY B 175 4.59 14.23 -22.20
CA GLY B 175 4.30 13.31 -23.29
C GLY B 175 5.33 12.22 -23.54
N GLU B 176 6.48 12.27 -22.88
CA GLU B 176 7.44 11.15 -22.97
C GLU B 176 6.83 9.89 -22.27
N PHE B 177 6.00 10.10 -21.25
CA PHE B 177 5.36 9.03 -20.47
C PHE B 177 3.86 9.31 -20.36
N ALA B 178 3.07 8.26 -20.20
CA ALA B 178 1.62 8.41 -20.00
C ALA B 178 1.26 8.78 -18.56
N ARG B 179 2.04 8.27 -17.61
CA ARG B 179 1.73 8.40 -16.20
C ARG B 179 3.06 8.76 -15.48
N TYR B 180 2.99 9.80 -14.67
CA TYR B 180 4.09 10.30 -13.84
C TYR B 180 3.72 10.10 -12.38
N ALA B 181 4.64 9.59 -11.58
CA ALA B 181 4.32 9.22 -10.21
C ALA B 181 5.44 9.74 -9.29
N ALA B 182 5.11 10.75 -8.52
CA ALA B 182 6.05 11.47 -7.68
C ALA B 182 5.71 11.34 -6.20
N ALA B 183 6.55 10.61 -5.46
CA ALA B 183 6.36 10.37 -4.07
C ALA B 183 7.26 11.29 -3.25
N SER B 184 6.65 12.01 -2.34
CA SER B 184 7.36 12.96 -1.50
C SER B 184 8.37 13.83 -2.29
N PRO B 185 7.92 14.46 -3.39
CA PRO B 185 8.91 15.16 -4.19
C PRO B 185 9.49 16.31 -3.40
N SER B 186 10.72 16.64 -3.69
CA SER B 186 11.47 17.64 -2.92
C SER B 186 11.11 19.07 -3.33
N LEU B 187 9.91 19.51 -2.96
CA LEU B 187 9.38 20.79 -3.48
C LEU B 187 10.18 21.98 -2.90
N TRP B 188 10.80 21.76 -1.74
CA TRP B 188 11.67 22.75 -1.07
C TRP B 188 12.96 23.08 -1.85
N TRP B 189 13.36 22.21 -2.79
CA TRP B 189 14.66 22.37 -3.50
C TRP B 189 14.84 23.76 -4.10
N ARG B 190 16.00 24.37 -3.81
CA ARG B 190 16.33 25.73 -4.28
C ARG B 190 15.17 26.71 -4.12
N ASP B 191 14.70 26.78 -2.88
CA ASP B 191 13.61 27.67 -2.46
C ASP B 191 12.38 27.58 -3.36
N GLY B 192 12.00 26.37 -3.72
CA GLY B 192 10.80 26.16 -4.51
C GLY B 192 10.96 26.34 -6.00
N ALA B 193 12.17 26.18 -6.52
CA ALA B 193 12.42 26.40 -7.94
C ALA B 193 11.62 25.51 -8.89
N ILE B 194 11.24 24.32 -8.46
CA ILE B 194 10.49 23.42 -9.36
C ILE B 194 9.11 24.02 -9.63
N LEU B 195 8.58 24.77 -8.66
CA LEU B 195 7.20 25.26 -8.74
C LEU B 195 7.02 26.18 -9.93
N GLY B 196 8.05 26.96 -10.24
CA GLY B 196 8.03 27.85 -11.41
C GLY B 196 7.95 27.15 -12.75
N GLU B 197 8.47 25.93 -12.84
CA GLU B 197 8.49 25.22 -14.13
C GLU B 197 7.08 24.84 -14.58
N ARG B 198 6.09 24.91 -13.68
CA ARG B 198 4.72 24.58 -14.05
C ARG B 198 4.08 25.58 -15.02
N ALA B 199 4.58 26.81 -15.02
CA ALA B 199 4.01 27.87 -15.86
C ALA B 199 3.98 27.44 -17.32
N GLY B 200 2.81 27.53 -17.95
CA GLY B 200 2.65 27.18 -19.37
C GLY B 200 2.37 25.69 -19.65
N LEU B 201 2.09 24.89 -18.62
CA LEU B 201 1.99 23.46 -18.83
C LEU B 201 0.81 23.10 -19.73
N GLU B 202 -0.33 23.78 -19.53
CA GLU B 202 -1.51 23.48 -20.35
C GLU B 202 -1.20 23.62 -21.86
N GLN B 203 -0.45 24.65 -22.21
CA GLN B 203 0.00 24.84 -23.59
C GLN B 203 0.94 23.74 -24.08
N ARG B 204 1.90 23.34 -23.25
CA ARG B 204 2.82 22.24 -23.63
C ARG B 204 2.12 20.90 -23.72
N LEU B 205 1.00 20.74 -23.03
CA LEU B 205 0.20 19.51 -23.10
C LEU B 205 -0.79 19.46 -24.28
N ARG B 206 -0.85 20.51 -25.08
CA ARG B 206 -1.88 20.56 -26.13
C ARG B 206 -1.73 19.35 -27.04
N GLY B 207 -2.83 18.63 -27.25
CA GLY B 207 -2.82 17.45 -28.11
C GLY B 207 -2.32 16.20 -27.41
N LYS B 208 -2.09 16.29 -26.10
CA LYS B 208 -1.57 15.20 -25.31
C LYS B 208 -2.38 15.02 -24.03
N ARG B 209 -2.20 13.86 -23.44
CA ARG B 209 -2.81 13.51 -22.16
C ARG B 209 -1.69 13.07 -21.20
N ALA B 210 -1.85 13.40 -19.94
CA ALA B 210 -0.93 12.90 -18.93
C ALA B 210 -1.68 12.72 -17.64
N GLU B 211 -1.19 11.79 -16.82
CA GLU B 211 -1.71 11.54 -15.50
C GLU B 211 -0.54 11.76 -14.53
N LEU B 212 -0.81 12.43 -13.42
CA LEU B 212 0.17 12.64 -12.35
C LEU B 212 -0.40 12.12 -11.02
N LEU B 213 0.33 11.20 -10.39
CA LEU B 213 0.04 10.66 -9.09
C LEU B 213 1.04 11.27 -8.12
N LEU B 214 0.54 11.76 -7.00
CA LEU B 214 1.35 12.37 -5.93
C LEU B 214 1.08 11.71 -4.59
N TRP B 215 2.14 11.54 -3.80
CA TRP B 215 2.02 11.07 -2.43
C TRP B 215 2.86 12.00 -1.52
N ARG B 216 2.42 12.13 -0.27
CA ARG B 216 3.18 12.74 0.81
C ARG B 216 2.79 12.11 2.14
N GLY B 217 3.77 11.92 3.00
CA GLY B 217 3.53 11.41 4.33
C GLY B 217 3.25 12.52 5.33
N SER B 218 2.23 12.35 6.19
CA SER B 218 1.83 13.44 7.04
C SER B 218 2.84 13.68 8.17
N ALA B 219 3.73 12.74 8.45
CA ALA B 219 4.77 12.98 9.44
C ALA B 219 6.02 13.69 8.87
N GLU B 220 6.02 13.99 7.58
CA GLU B 220 7.19 14.59 6.94
C GLU B 220 7.30 16.06 7.27
N PRO B 221 8.53 16.52 7.57
CA PRO B 221 8.70 17.95 7.67
C PRO B 221 8.65 18.58 6.28
N ALA B 222 8.62 19.90 6.23
CA ALA B 222 8.61 20.63 4.95
C ALA B 222 9.93 20.51 4.18
N SER B 223 11.02 20.29 4.91
CA SER B 223 12.33 20.13 4.29
C SER B 223 13.25 19.36 5.25
N PRO B 224 14.40 18.88 4.77
CA PRO B 224 15.19 17.93 5.57
C PRO B 224 16.04 18.57 6.66
N ARG B 225 16.18 19.89 6.64
CA ARG B 225 17.19 20.57 7.47
C ARG B 225 16.59 21.82 8.09
N GLY B 226 15.26 21.90 8.22
CA GLY B 226 14.56 23.19 8.34
C GLY B 226 14.25 23.53 9.78
N GLU B 231 5.28 25.63 6.59
CA GLU B 231 4.34 24.72 7.25
C GLU B 231 4.24 23.38 6.49
N PRO B 232 4.41 22.25 7.19
CA PRO B 232 4.49 20.99 6.44
C PRO B 232 3.18 20.69 5.72
N GLY B 233 3.26 20.40 4.44
CA GLY B 233 2.08 20.03 3.67
C GLY B 233 1.55 21.18 2.83
N GLN B 234 1.94 22.40 3.17
CA GLN B 234 1.33 23.57 2.53
C GLN B 234 1.78 23.72 1.10
N ALA B 235 3.06 23.50 0.82
CA ALA B 235 3.57 23.62 -0.56
C ALA B 235 2.88 22.56 -1.45
N MET B 236 2.76 21.33 -0.95
CA MET B 236 2.08 20.27 -1.70
C MET B 236 0.62 20.64 -1.95
N ALA B 237 -0.07 21.13 -0.91
CA ALA B 237 -1.48 21.48 -1.08
C ALA B 237 -1.66 22.58 -2.13
N ARG B 238 -0.76 23.56 -2.13
CA ARG B 238 -0.83 24.64 -3.13
C ARG B 238 -0.58 24.10 -4.55
N LEU B 239 0.41 23.22 -4.68
CA LEU B 239 0.71 22.61 -5.97
C LEU B 239 -0.47 21.81 -6.53
N VAL B 240 -1.06 20.96 -5.69
CA VAL B 240 -2.21 20.18 -6.08
C VAL B 240 -3.35 21.09 -6.57
N ASP B 241 -3.66 22.13 -5.82
CA ASP B 241 -4.72 23.09 -6.18
C ASP B 241 -4.46 23.73 -7.54
N ASP B 242 -3.21 24.13 -7.80
CA ASP B 242 -2.81 24.69 -9.09
C ASP B 242 -2.89 23.70 -10.26
N LEU B 243 -2.37 22.50 -10.07
CA LEU B 243 -2.39 21.51 -11.13
C LEU B 243 -3.78 20.98 -11.47
N ARG B 244 -4.72 21.06 -10.54
CA ARG B 244 -6.12 20.72 -10.84
C ARG B 244 -6.72 21.60 -11.93
N ARG B 245 -6.09 22.75 -12.18
CA ARG B 245 -6.54 23.68 -13.21
C ARG B 245 -6.01 23.44 -14.60
N VAL B 246 -5.11 22.46 -14.76
CA VAL B 246 -4.45 22.26 -16.03
C VAL B 246 -5.26 21.26 -16.85
N ALA B 247 -5.80 21.74 -17.96
CA ALA B 247 -6.56 20.84 -18.83
C ALA B 247 -5.62 19.85 -19.54
N GLY B 248 -6.11 18.62 -19.64
CA GLY B 248 -5.34 17.51 -20.22
C GLY B 248 -4.56 16.73 -19.16
N LEU B 249 -4.54 17.23 -17.93
CA LEU B 249 -3.79 16.57 -16.85
C LEU B 249 -4.77 15.96 -15.86
N THR B 250 -4.68 14.66 -15.66
CA THR B 250 -5.44 13.97 -14.62
C THR B 250 -4.54 13.86 -13.41
N LEU B 251 -5.04 14.30 -12.25
CA LEU B 251 -4.27 14.40 -11.03
C LEU B 251 -4.86 13.56 -9.92
N ASP B 252 -4.04 12.78 -9.22
CA ASP B 252 -4.51 11.99 -8.06
C ASP B 252 -3.53 12.21 -6.91
N PHE B 253 -3.97 12.90 -5.86
CA PHE B 253 -3.15 13.05 -4.65
C PHE B 253 -3.56 12.06 -3.56
N GLN B 254 -2.59 11.33 -3.03
CA GLN B 254 -2.85 10.34 -1.98
C GLN B 254 -1.97 10.62 -0.75
N PRO B 255 -2.54 11.24 0.30
CA PRO B 255 -1.80 11.41 1.54
C PRO B 255 -1.61 10.09 2.27
N LEU B 256 -0.49 9.96 2.95
CA LEU B 256 -0.14 8.74 3.68
C LEU B 256 -0.02 9.12 5.17
N ASP B 257 -1.15 8.98 5.87
CA ASP B 257 -1.26 9.45 7.24
C ASP B 257 -0.27 8.72 8.16
N GLY B 258 0.54 9.49 8.88
CA GLY B 258 1.45 8.90 9.86
C GLY B 258 2.83 8.52 9.31
N LEU B 259 3.05 8.57 7.98
CA LEU B 259 4.32 8.08 7.43
C LEU B 259 5.31 9.21 7.32
N GLY B 260 6.57 8.86 7.59
CA GLY B 260 7.64 9.81 7.43
C GLY B 260 8.38 9.63 6.11
N HIS B 261 9.46 10.39 5.93
CA HIS B 261 10.03 10.57 4.60
C HIS B 261 10.55 9.26 3.96
N GLY B 262 11.30 8.48 4.71
CA GLY B 262 11.81 7.19 4.25
C GLY B 262 10.72 6.19 3.90
N GLU B 263 9.64 6.20 4.67
CA GLU B 263 8.60 5.18 4.55
C GLU B 263 7.75 5.34 3.29
N THR B 264 7.68 6.55 2.73
CA THR B 264 6.81 6.77 1.59
C THR B 264 7.37 6.19 0.27
N LEU B 265 8.65 5.81 0.25
CA LEU B 265 9.25 5.17 -0.92
C LEU B 265 8.55 3.85 -1.20
N GLY B 266 8.65 2.92 -0.28
CA GLY B 266 7.97 1.65 -0.41
C GLY B 266 6.47 1.72 -0.53
N ALA B 267 5.86 2.59 0.27
CA ALA B 267 4.41 2.68 0.30
C ALA B 267 3.94 3.18 -1.08
N SER B 268 4.60 4.19 -1.63
CA SER B 268 4.15 4.76 -2.92
C SER B 268 4.32 3.72 -4.05
N LEU B 269 5.37 2.93 -3.98
CA LEU B 269 5.64 1.98 -5.05
C LEU B 269 4.65 0.80 -4.98
N ARG B 270 4.35 0.31 -3.78
CA ARG B 270 3.29 -0.72 -3.65
C ARG B 270 1.97 -0.20 -4.16
N LEU B 271 1.62 1.03 -3.78
CA LEU B 271 0.36 1.62 -4.18
C LEU B 271 0.29 1.89 -5.68
N LEU B 272 1.39 2.39 -6.27
CA LEU B 272 1.40 2.61 -7.70
C LEU B 272 1.14 1.30 -8.45
N LEU B 273 1.81 0.24 -8.04
CA LEU B 273 1.73 -1.03 -8.76
C LEU B 273 0.38 -1.74 -8.54
N ALA B 274 -0.36 -1.31 -7.52
CA ALA B 274 -1.74 -1.74 -7.33
C ALA B 274 -2.78 -0.97 -8.11
N ARG B 275 -2.41 0.17 -8.71
CA ARG B 275 -3.36 0.94 -9.53
C ARG B 275 -3.74 0.16 -10.77
N PRO B 276 -4.94 0.47 -11.32
CA PRO B 276 -5.26 0.03 -12.68
C PRO B 276 -4.14 0.46 -13.65
N ALA B 277 -3.81 -0.42 -14.58
CA ALA B 277 -2.81 -0.16 -15.63
C ALA B 277 -3.16 1.08 -16.45
N VAL B 278 -2.14 1.71 -17.01
CA VAL B 278 -2.33 2.76 -17.99
C VAL B 278 -3.19 2.21 -19.13
N GLU B 279 -4.19 2.98 -19.58
CA GLU B 279 -5.21 2.41 -20.48
C GLU B 279 -4.70 2.28 -21.91
N ARG B 280 -5.22 1.26 -22.61
CA ARG B 280 -4.98 1.03 -24.04
C ARG B 280 -6.03 1.75 -24.88
#